data_3AIW
#
_entry.id   3AIW
#
_cell.length_a   194.686
_cell.length_b   194.686
_cell.length_c   194.686
_cell.angle_alpha   90.00
_cell.angle_beta   90.00
_cell.angle_gamma   90.00
#
_symmetry.space_group_name_H-M   'P 41 3 2'
#
loop_
_entity.id
_entity.type
_entity.pdbx_description
1 polymer Beta-glucosidase
2 non-polymer 2,4-DINITROPHENOL
3 non-polymer 2-deoxy-2-fluoro-alpha-D-glucopyranose
4 water water
#
_entity_poly.entity_id   1
_entity_poly.type   'polypeptide(L)'
_entity_poly.pdbx_seq_one_letter_code
;MHHHHHHSSGLVPRGSGMKETAAAKFERQHMDSPDLGTDDDDKAMAGTPSKPSEPIGPVFTKLKPWQIPKRDWFSKDFLF
GASTSAYQIEGAWNEDGKGPSTWDHFCHTYPERISDGTNGDVAANSYHMYEEDVKALKDMGMKVYRFSISWSRILPNGTG
KPNQKGIDYYNNLINSLIRHGIVPYVTIWHWDTPQALEDKYGGFLDKQIVNDYKYFAELCFQSFGDRVKNWFTFNEPHTY
CCFSYGEGIHAPGRCSPGLDCAVPEGDSLREPYTAGHHILLAHAEAVELFKAHYNKHGDSKIGMAFDVMGYEPYQDSFLD
DQARERSIDYNMGWFLEPVVRGDYPFSMRSLIGDRLPMFTKEEQEKLASSCDIMGLNYYTSRFSKHVDISSDYTPTLNTD
DAYASSETTGSDGNEIGPITGTYWIYMYPKGLTDLLLIMKEKYGNPPIFITENGIADVEGDPEMPDPLDDWKRLDYLQRH
ISAVKDAIDQGADVRGHFTWGLIDNFEWGSGYSSRFGLVYIDKEDGNKRKLKKSAKWFAKFNSVPKTLLKTTNNNATVTA
SVSV
;
_entity_poly.pdbx_strand_id   A
#
loop_
_chem_comp.id
_chem_comp.type
_chem_comp.name
_chem_comp.formula
DNF non-polymer 2,4-DINITROPHENOL 'C6 H4 N2 O5'
G2F D-saccharide, alpha linking 2-deoxy-2-fluoro-alpha-D-glucopyranose 'C6 H11 F O5'
#
# COMPACT_ATOMS: atom_id res chain seq x y z
N VAL A 59 -24.83 -11.26 12.54
CA VAL A 59 -24.44 -12.50 11.74
C VAL A 59 -23.29 -12.27 10.68
N PHE A 60 -22.24 -13.09 10.70
CA PHE A 60 -21.16 -12.96 9.75
C PHE A 60 -20.89 -14.42 9.39
N THR A 61 -21.27 -14.84 8.18
CA THR A 61 -21.19 -16.25 7.83
C THR A 61 -19.73 -16.67 7.47
N LYS A 62 -19.24 -17.70 8.15
CA LYS A 62 -17.91 -18.21 7.90
C LYS A 62 -17.91 -19.28 6.77
N LEU A 63 -16.74 -19.53 6.22
CA LEU A 63 -16.56 -20.66 5.34
C LEU A 63 -16.96 -22.00 6.04
N LYS A 64 -17.58 -22.91 5.30
CA LYS A 64 -17.70 -24.30 5.72
C LYS A 64 -16.25 -24.87 5.85
N PRO A 65 -16.01 -25.79 6.77
CA PRO A 65 -14.62 -26.27 7.00
C PRO A 65 -13.97 -26.94 5.82
N TRP A 66 -14.73 -27.61 4.96
CA TRP A 66 -14.10 -28.23 3.76
C TRP A 66 -13.75 -27.12 2.73
N GLN A 67 -14.08 -25.83 2.99
CA GLN A 67 -13.79 -24.78 1.97
C GLN A 67 -12.58 -23.97 2.37
N ILE A 68 -11.88 -24.39 3.42
CA ILE A 68 -10.83 -23.56 4.01
C ILE A 68 -9.59 -23.90 3.19
N PRO A 69 -8.80 -22.87 2.73
CA PRO A 69 -7.61 -23.13 1.93
C PRO A 69 -6.60 -24.03 2.67
N LYS A 70 -5.85 -24.85 1.96
CA LYS A 70 -4.75 -25.62 2.50
C LYS A 70 -3.51 -25.18 1.72
N ARG A 71 -2.34 -25.29 2.35
CA ARG A 71 -1.13 -24.81 1.80
C ARG A 71 -0.85 -25.43 0.38
N ASP A 72 -1.10 -26.74 0.27
CA ASP A 72 -1.02 -27.51 -0.98
C ASP A 72 -1.94 -27.01 -2.13
N TRP A 73 -2.87 -26.12 -1.88
CA TRP A 73 -3.60 -25.53 -2.94
C TRP A 73 -2.65 -24.75 -3.86
N PHE A 74 -1.49 -24.40 -3.34
CA PHE A 74 -0.60 -23.49 -3.99
C PHE A 74 0.72 -24.19 -4.24
N SER A 75 1.46 -23.72 -5.26
CA SER A 75 2.69 -24.39 -5.64
C SER A 75 3.68 -24.26 -4.48
N LYS A 76 4.73 -25.04 -4.54
CA LYS A 76 5.78 -25.00 -3.57
C LYS A 76 6.57 -23.63 -3.61
N ASP A 77 6.71 -23.02 -4.78
CA ASP A 77 7.38 -21.74 -4.88
C ASP A 77 6.51 -20.49 -4.49
N PHE A 78 5.18 -20.67 -4.34
CA PHE A 78 4.27 -19.60 -3.95
C PHE A 78 4.65 -19.14 -2.51
N LEU A 79 4.55 -17.85 -2.26
CA LEU A 79 5.04 -17.23 -1.12
C LEU A 79 3.95 -16.57 -0.22
N PHE A 80 3.87 -17.02 1.03
CA PHE A 80 3.02 -16.45 2.03
C PHE A 80 3.84 -15.56 2.94
N GLY A 81 3.35 -14.39 3.21
CA GLY A 81 4.10 -13.44 4.02
C GLY A 81 3.12 -12.37 4.69
N ALA A 82 3.73 -11.34 5.21
CA ALA A 82 2.98 -10.28 5.85
C ALA A 82 3.76 -8.98 5.57
N SER A 83 3.03 -7.91 5.65
CA SER A 83 3.63 -6.56 5.46
C SER A 83 3.55 -5.62 6.66
N THR A 84 4.47 -4.67 6.68
CA THR A 84 4.38 -3.51 7.52
C THR A 84 4.98 -2.27 6.73
N SER A 85 4.97 -1.08 7.35
CA SER A 85 5.74 0.03 6.88
C SER A 85 6.47 0.74 8.04
N ALA A 86 7.54 1.47 7.73
CA ALA A 86 8.40 2.11 8.71
C ALA A 86 7.69 3.05 9.68
N TYR A 87 6.94 4.02 9.14
CA TYR A 87 6.27 4.97 10.03
C TYR A 87 5.25 4.22 10.89
N GLN A 88 4.71 3.10 10.41
CA GLN A 88 3.58 2.55 11.13
C GLN A 88 3.99 1.68 12.37
N ILE A 89 5.21 1.21 12.40
CA ILE A 89 5.69 0.26 13.42
C ILE A 89 6.95 0.63 14.15
N GLU A 90 7.84 1.35 13.52
CA GLU A 90 9.23 1.55 14.05
C GLU A 90 9.36 2.38 15.37
N GLY A 91 8.61 3.42 15.55
CA GLY A 91 8.90 4.43 16.54
C GLY A 91 10.28 5.04 16.45
N ALA A 92 10.86 5.41 17.59
CA ALA A 92 12.25 5.94 17.64
C ALA A 92 12.39 7.09 16.63
N TRP A 93 11.37 7.95 16.61
CA TRP A 93 11.13 8.85 15.46
C TRP A 93 12.25 9.92 15.37
N ASN A 94 12.98 10.10 16.49
CA ASN A 94 14.15 11.05 16.60
C ASN A 94 15.42 10.48 17.23
N GLU A 95 15.62 9.18 17.15
CA GLU A 95 16.79 8.55 17.75
C GLU A 95 17.85 8.36 16.73
N ASP A 96 19.05 8.28 17.24
CA ASP A 96 20.24 7.90 16.47
C ASP A 96 20.40 8.74 15.23
N GLY A 97 20.03 10.00 15.31
CA GLY A 97 20.30 10.89 14.17
C GLY A 97 19.15 10.95 13.15
N LYS A 98 18.15 10.09 13.26
CA LYS A 98 17.01 10.15 12.33
C LYS A 98 16.41 11.52 12.17
N GLY A 99 16.22 11.95 10.89
CA GLY A 99 15.49 13.20 10.61
C GLY A 99 13.97 13.06 10.72
N PRO A 100 13.22 14.18 10.88
CA PRO A 100 11.79 14.05 10.87
C PRO A 100 11.20 13.78 9.38
N SER A 101 10.05 13.02 9.27
CA SER A 101 9.36 12.85 8.05
C SER A 101 8.16 13.77 7.99
N THR A 102 7.49 13.83 6.85
CA THR A 102 6.19 14.51 6.76
C THR A 102 5.19 13.95 7.70
N TRP A 103 5.32 12.68 8.03
CA TRP A 103 4.29 12.15 8.95
C TRP A 103 4.62 12.60 10.45
N ASP A 104 5.91 12.64 10.85
CA ASP A 104 6.34 13.19 12.17
C ASP A 104 5.81 14.60 12.26
N HIS A 105 6.10 15.36 11.22
CA HIS A 105 5.67 16.76 11.21
C HIS A 105 4.18 16.89 11.26
N PHE A 106 3.47 16.10 10.43
CA PHE A 106 2.03 16.28 10.37
C PHE A 106 1.34 15.89 11.72
N CYS A 107 1.73 14.78 12.32
CA CYS A 107 1.18 14.49 13.72
C CYS A 107 1.56 15.54 14.79
N HIS A 108 2.78 16.03 14.74
CA HIS A 108 3.29 17.03 15.70
C HIS A 108 2.73 18.42 15.47
N THR A 109 2.30 18.73 14.24
CA THR A 109 1.72 20.03 14.02
C THR A 109 0.21 20.02 13.90
N TYR A 110 -0.38 18.86 13.54
CA TYR A 110 -1.81 18.80 13.38
C TYR A 110 -2.37 17.53 14.08
N PRO A 111 -2.10 17.39 15.44
CA PRO A 111 -2.37 16.11 16.11
C PRO A 111 -3.84 15.81 16.07
N GLU A 112 -4.67 16.86 15.96
CA GLU A 112 -6.14 16.66 15.94
C GLU A 112 -6.61 15.90 14.62
N ARG A 113 -5.71 15.76 13.63
CA ARG A 113 -6.08 15.06 12.36
C ARG A 113 -5.94 13.51 12.52
N ILE A 114 -5.49 13.03 13.69
CA ILE A 114 -5.47 11.61 14.04
C ILE A 114 -6.63 11.36 14.97
N SER A 115 -7.55 10.56 14.54
CA SER A 115 -8.77 10.24 15.18
C SER A 115 -8.75 10.02 16.70
N ASP A 116 -7.73 9.30 17.15
CA ASP A 116 -7.72 8.79 18.52
C ASP A 116 -6.59 9.55 19.29
N GLY A 117 -6.02 10.58 18.65
CA GLY A 117 -5.15 11.50 19.39
C GLY A 117 -3.78 10.90 19.51
N THR A 118 -3.36 9.98 18.61
CA THR A 118 -2.06 9.30 18.84
C THR A 118 -1.13 9.70 17.74
N ASN A 119 0.05 9.12 17.70
CA ASN A 119 0.95 9.36 16.59
C ASN A 119 1.93 8.21 16.51
N GLY A 120 2.92 8.34 15.68
CA GLY A 120 3.87 7.26 15.47
C GLY A 120 5.18 7.45 16.11
N ASP A 121 5.24 8.31 17.18
CA ASP A 121 6.53 8.56 17.80
C ASP A 121 7.11 7.25 18.30
N VAL A 122 6.24 6.33 18.75
CA VAL A 122 6.76 5.04 19.24
C VAL A 122 6.14 3.82 18.55
N ALA A 123 4.87 3.91 18.19
CA ALA A 123 4.27 2.84 17.43
C ALA A 123 4.49 1.44 18.12
N ALA A 124 4.99 0.48 17.35
CA ALA A 124 5.18 -0.86 17.89
C ALA A 124 6.55 -0.94 18.42
N ASN A 125 7.27 0.14 18.30
CA ASN A 125 8.66 0.16 18.81
C ASN A 125 9.55 -0.88 18.12
N SER A 126 9.29 -1.14 16.84
CA SER A 126 10.09 -2.06 16.07
C SER A 126 11.48 -1.62 15.81
N TYR A 127 11.77 -0.30 15.86
CA TYR A 127 13.20 0.05 15.87
C TYR A 127 13.99 -0.68 16.97
N HIS A 128 13.42 -0.84 18.14
CA HIS A 128 14.11 -1.69 19.17
C HIS A 128 13.62 -3.14 19.25
N MET A 129 12.37 -3.42 18.89
CA MET A 129 11.86 -4.78 19.08
C MET A 129 11.78 -5.62 17.81
N TYR A 130 12.60 -5.32 16.80
CA TYR A 130 12.43 -5.98 15.51
C TYR A 130 12.60 -7.45 15.64
N GLU A 131 13.42 -7.89 16.60
CA GLU A 131 13.67 -9.36 16.72
C GLU A 131 12.36 -10.08 17.07
N GLU A 132 11.44 -9.41 17.78
CA GLU A 132 10.15 -9.98 18.05
C GLU A 132 9.25 -10.02 16.79
N ASP A 133 9.46 -9.06 15.84
CA ASP A 133 8.71 -9.10 14.59
C ASP A 133 9.14 -10.36 13.78
N VAL A 134 10.45 -10.57 13.72
CA VAL A 134 11.06 -11.72 13.06
C VAL A 134 10.55 -13.01 13.68
N LYS A 135 10.54 -13.04 15.00
CA LYS A 135 10.04 -14.23 15.76
C LYS A 135 8.61 -14.52 15.45
N ALA A 136 7.75 -13.51 15.39
CA ALA A 136 6.35 -13.73 15.07
C ALA A 136 6.11 -14.28 13.63
N LEU A 137 6.91 -13.80 12.66
CA LEU A 137 6.92 -14.33 11.25
C LEU A 137 7.35 -15.81 11.29
N LYS A 138 8.40 -16.08 12.03
CA LYS A 138 8.89 -17.47 12.13
C LYS A 138 7.88 -18.33 12.81
N ASP A 139 7.26 -17.84 13.88
CA ASP A 139 6.20 -18.63 14.54
C ASP A 139 5.00 -18.91 13.67
N MET A 140 4.68 -18.01 12.70
CA MET A 140 3.49 -18.26 11.76
C MET A 140 3.96 -19.08 10.60
N GLY A 141 5.29 -19.23 10.44
CA GLY A 141 5.79 -19.98 9.29
C GLY A 141 5.84 -19.13 7.98
N MET A 142 5.76 -17.82 8.11
CA MET A 142 5.81 -16.98 6.89
C MET A 142 7.18 -17.14 6.16
N LYS A 143 7.13 -17.09 4.81
CA LYS A 143 8.38 -17.20 3.99
C LYS A 143 8.96 -15.87 3.58
N VAL A 144 8.11 -14.84 3.67
CA VAL A 144 8.45 -13.51 3.22
C VAL A 144 7.96 -12.41 4.19
N TYR A 145 8.79 -11.39 4.37
CA TYR A 145 8.43 -10.21 5.12
C TYR A 145 8.60 -8.99 4.22
N ARG A 146 7.54 -8.25 3.98
CA ARG A 146 7.63 -7.04 3.20
C ARG A 146 7.59 -5.85 4.18
N PHE A 147 8.71 -5.15 4.29
CA PHE A 147 8.85 -4.00 5.15
C PHE A 147 9.31 -2.81 4.34
N SER A 148 9.20 -1.59 4.88
CA SER A 148 9.71 -0.37 4.22
C SER A 148 10.93 0.26 4.92
N ILE A 149 11.71 1.02 4.12
CA ILE A 149 12.89 1.77 4.61
C ILE A 149 12.43 3.15 4.85
N SER A 150 12.72 3.64 6.08
CA SER A 150 12.43 5.07 6.39
C SER A 150 13.54 5.96 5.78
N TRP A 151 13.16 6.72 4.79
CA TRP A 151 14.02 7.60 4.05
C TRP A 151 14.75 8.52 5.07
N SER A 152 13.98 9.16 5.92
CA SER A 152 14.50 10.06 6.93
C SER A 152 15.39 9.46 8.02
N ARG A 153 15.34 8.17 8.26
CA ARG A 153 16.20 7.53 9.17
C ARG A 153 17.58 7.35 8.57
N ILE A 154 17.65 7.19 7.26
CA ILE A 154 18.89 6.78 6.58
C ILE A 154 19.52 7.99 5.94
N LEU A 155 18.74 9.03 5.71
CA LEU A 155 19.22 10.29 5.15
C LEU A 155 18.38 11.33 5.79
N PRO A 156 18.79 11.77 6.97
CA PRO A 156 18.00 12.70 7.81
C PRO A 156 17.60 13.96 7.11
N ASN A 157 18.47 14.46 6.25
CA ASN A 157 18.11 15.62 5.43
C ASN A 157 17.52 15.37 4.03
N GLY A 158 17.20 14.10 3.72
CA GLY A 158 16.62 13.74 2.40
C GLY A 158 17.75 13.42 1.46
N THR A 159 18.72 14.32 1.48
CA THR A 159 19.94 14.29 0.68
C THR A 159 21.25 14.30 1.55
N GLY A 160 22.38 13.94 0.95
CA GLY A 160 23.69 14.11 1.56
C GLY A 160 24.22 12.91 2.36
N LYS A 161 24.74 13.19 3.57
CA LYS A 161 25.39 12.17 4.41
C LYS A 161 24.45 11.10 4.94
N PRO A 162 24.76 9.86 4.65
CA PRO A 162 23.94 8.79 5.19
C PRO A 162 24.11 8.69 6.71
N ASN A 163 23.01 8.34 7.40
CA ASN A 163 23.03 8.10 8.83
C ASN A 163 23.40 6.61 9.06
N GLN A 164 24.63 6.35 9.51
CA GLN A 164 25.13 4.97 9.64
C GLN A 164 24.32 4.06 10.63
N LYS A 165 23.85 4.65 11.73
CA LYS A 165 22.95 3.94 12.61
C LYS A 165 21.61 3.50 11.94
N GLY A 166 21.11 4.33 11.04
CA GLY A 166 19.86 4.06 10.30
C GLY A 166 20.09 2.82 9.45
N ILE A 167 21.21 2.84 8.72
CA ILE A 167 21.64 1.72 7.87
C ILE A 167 21.87 0.42 8.63
N ASP A 168 22.60 0.54 9.75
CA ASP A 168 22.81 -0.61 10.67
C ASP A 168 21.54 -1.25 11.07
N TYR A 169 20.53 -0.43 11.38
CA TYR A 169 19.22 -0.99 11.77
C TYR A 169 18.61 -1.92 10.72
N TYR A 170 18.54 -1.46 9.49
CA TYR A 170 18.01 -2.29 8.40
C TYR A 170 18.87 -3.50 8.14
N ASN A 171 20.20 -3.31 8.23
CA ASN A 171 21.05 -4.43 8.08
C ASN A 171 20.78 -5.48 9.14
N ASN A 172 20.55 -5.00 10.38
CA ASN A 172 20.20 -5.94 11.48
C ASN A 172 18.93 -6.69 11.23
N LEU A 173 17.88 -6.01 10.79
CA LEU A 173 16.59 -6.68 10.48
C LEU A 173 16.82 -7.65 9.36
N ILE A 174 17.45 -7.19 8.27
CA ILE A 174 17.69 -8.02 7.08
C ILE A 174 18.42 -9.33 7.44
N ASN A 175 19.49 -9.17 8.23
CA ASN A 175 20.35 -10.31 8.58
C ASN A 175 19.63 -11.25 9.49
N SER A 176 18.81 -10.68 10.41
CA SER A 176 17.97 -11.51 11.28
C SER A 176 16.94 -12.34 10.47
N LEU A 177 16.27 -11.70 9.52
CA LEU A 177 15.34 -12.46 8.66
C LEU A 177 16.01 -13.62 7.95
N ILE A 178 17.16 -13.35 7.37
CA ILE A 178 17.89 -14.35 6.60
C ILE A 178 18.37 -15.50 7.53
N ARG A 179 18.91 -15.13 8.69
CA ARG A 179 19.26 -16.09 9.75
C ARG A 179 18.06 -16.99 9.97
N HIS A 180 16.85 -16.39 10.01
CA HIS A 180 15.63 -17.19 10.32
C HIS A 180 14.89 -17.76 9.12
N GLY A 181 15.55 -17.80 7.98
CA GLY A 181 14.93 -18.39 6.79
C GLY A 181 13.80 -17.57 6.17
N ILE A 182 13.80 -16.23 6.32
CA ILE A 182 12.71 -15.41 5.80
C ILE A 182 13.27 -14.46 4.75
N VAL A 183 12.59 -14.34 3.62
CA VAL A 183 13.08 -13.48 2.54
C VAL A 183 12.58 -12.05 2.71
N PRO A 184 13.50 -11.08 2.72
CA PRO A 184 13.06 -9.64 2.73
C PRO A 184 12.62 -9.06 1.41
N TYR A 185 11.42 -8.50 1.36
CA TYR A 185 10.92 -7.79 0.21
C TYR A 185 10.83 -6.35 0.72
N VAL A 186 11.42 -5.39 0.02
CA VAL A 186 11.55 -4.08 0.59
C VAL A 186 10.83 -3.03 -0.21
N THR A 187 9.99 -2.26 0.46
CA THR A 187 9.39 -1.05 -0.08
C THR A 187 10.35 0.14 0.23
N ILE A 188 10.84 0.83 -0.83
CA ILE A 188 11.75 1.95 -0.64
C ILE A 188 11.00 3.14 -0.01
N TRP A 189 9.79 3.46 -0.48
CA TRP A 189 9.10 4.63 0.01
C TRP A 189 7.64 4.25 0.32
N HIS A 190 7.20 4.63 1.51
CA HIS A 190 5.87 4.30 1.96
C HIS A 190 5.31 5.54 2.72
N TRP A 191 5.16 6.67 1.97
CA TRP A 191 4.37 7.91 2.31
C TRP A 191 5.21 8.86 3.20
N ASP A 192 6.40 8.39 3.37
CA ASP A 192 7.28 8.65 4.40
C ASP A 192 8.43 9.76 4.13
N THR A 193 8.08 10.87 3.51
CA THR A 193 9.07 11.73 2.81
C THR A 193 9.86 12.55 3.89
N PRO A 194 11.19 12.70 3.75
CA PRO A 194 11.85 13.62 4.75
C PRO A 194 11.25 14.97 4.74
N GLN A 195 10.87 15.45 5.93
CA GLN A 195 10.37 16.88 6.04
C GLN A 195 11.38 17.96 5.59
N ALA A 196 12.64 17.64 5.57
CA ALA A 196 13.62 18.59 5.01
C ALA A 196 13.35 18.85 3.52
N LEU A 197 12.89 17.84 2.79
CA LEU A 197 12.63 17.99 1.34
C LEU A 197 11.28 18.66 1.19
N GLU A 198 10.35 18.34 2.10
CA GLU A 198 9.07 19.02 2.13
C GLU A 198 9.29 20.56 2.37
N ASP A 199 10.22 20.91 3.25
CA ASP A 199 10.42 22.34 3.59
C ASP A 199 11.18 23.03 2.47
N LYS A 200 12.22 22.36 1.96
CA LYS A 200 13.05 22.91 0.97
C LYS A 200 12.26 23.23 -0.37
N TYR A 201 11.43 22.29 -0.89
CA TYR A 201 10.82 22.54 -2.23
C TYR A 201 9.45 22.00 -2.40
N GLY A 202 8.81 21.58 -1.31
CA GLY A 202 7.42 21.13 -1.33
C GLY A 202 7.38 19.64 -1.67
N GLY A 203 8.48 18.95 -1.46
CA GLY A 203 8.46 17.50 -1.56
C GLY A 203 8.03 17.02 -2.93
N PHE A 204 7.01 16.16 -2.97
CA PHE A 204 6.65 15.46 -4.24
C PHE A 204 6.04 16.42 -5.24
N LEU A 205 5.73 17.64 -4.80
CA LEU A 205 5.22 18.63 -5.75
C LEU A 205 6.29 19.30 -6.63
N ASP A 206 7.57 18.99 -6.48
CA ASP A 206 8.63 19.68 -7.21
C ASP A 206 9.44 18.59 -7.87
N LYS A 207 9.99 18.85 -9.08
CA LYS A 207 10.68 17.75 -9.79
C LYS A 207 11.99 17.43 -9.16
N GLN A 208 12.43 18.31 -8.26
CA GLN A 208 13.70 18.02 -7.58
C GLN A 208 13.53 16.70 -6.78
N ILE A 209 12.27 16.34 -6.37
CA ILE A 209 12.03 15.03 -5.71
C ILE A 209 12.54 13.84 -6.51
N VAL A 210 12.60 14.01 -7.86
CA VAL A 210 12.93 12.91 -8.72
C VAL A 210 14.33 12.44 -8.53
N ASN A 211 15.26 13.38 -8.64
CA ASN A 211 16.66 13.05 -8.41
C ASN A 211 16.95 12.72 -6.95
N ASP A 212 16.26 13.40 -6.03
CA ASP A 212 16.56 13.13 -4.59
C ASP A 212 16.13 11.68 -4.29
N TYR A 213 14.91 11.28 -4.80
CA TYR A 213 14.49 9.89 -4.63
C TYR A 213 15.42 8.89 -5.24
N LYS A 214 15.91 9.19 -6.44
CA LYS A 214 16.88 8.36 -7.11
C LYS A 214 18.13 8.04 -6.30
N TYR A 215 18.68 9.07 -5.68
CA TYR A 215 19.81 8.95 -4.79
C TYR A 215 19.50 8.09 -3.55
N PHE A 216 18.34 8.32 -2.93
CA PHE A 216 17.86 7.47 -1.80
C PHE A 216 17.76 6.02 -2.22
N ALA A 217 17.14 5.79 -3.40
CA ALA A 217 17.03 4.42 -3.88
C ALA A 217 18.35 3.83 -4.09
N GLU A 218 19.26 4.59 -4.65
CA GLU A 218 20.62 4.07 -4.86
C GLU A 218 21.29 3.68 -3.55
N LEU A 219 21.19 4.57 -2.58
CA LEU A 219 21.73 4.23 -1.26
C LEU A 219 21.15 2.90 -0.75
N CYS A 220 19.82 2.71 -0.92
CA CYS A 220 19.26 1.38 -0.59
C CYS A 220 19.92 0.26 -1.36
N PHE A 221 20.11 0.44 -2.67
CA PHE A 221 20.62 -0.69 -3.47
C PHE A 221 22.02 -1.01 -2.99
N GLN A 222 22.80 0.04 -2.74
CA GLN A 222 24.20 -0.13 -2.32
C GLN A 222 24.27 -0.78 -0.96
N SER A 223 23.48 -0.29 -0.02
CA SER A 223 23.58 -0.79 1.36
C SER A 223 23.02 -2.22 1.45
N PHE A 224 21.87 -2.49 0.77
CA PHE A 224 21.12 -3.71 1.07
C PHE A 224 21.00 -4.73 -0.05
N GLY A 225 21.37 -4.33 -1.27
CA GLY A 225 21.20 -5.17 -2.46
C GLY A 225 21.99 -6.46 -2.59
N ASP A 226 23.07 -6.58 -1.86
CA ASP A 226 23.76 -7.90 -1.84
C ASP A 226 22.88 -8.99 -1.18
N ARG A 227 21.93 -8.57 -0.33
CA ARG A 227 21.06 -9.50 0.42
C ARG A 227 19.57 -9.39 0.00
N VAL A 228 19.08 -8.17 -0.17
CA VAL A 228 17.71 -7.92 -0.66
C VAL A 228 17.68 -8.02 -2.18
N LYS A 229 16.78 -8.86 -2.69
CA LYS A 229 16.68 -9.12 -4.15
C LYS A 229 15.30 -8.76 -4.75
N ASN A 230 14.39 -8.20 -3.94
CA ASN A 230 13.05 -7.87 -4.40
C ASN A 230 12.63 -6.51 -3.77
N TRP A 231 12.22 -5.60 -4.64
CA TRP A 231 12.02 -4.26 -4.27
C TRP A 231 10.76 -3.76 -4.86
N PHE A 232 10.08 -2.88 -4.09
CA PHE A 232 8.99 -2.02 -4.58
C PHE A 232 9.38 -0.56 -4.37
N THR A 233 9.34 0.24 -5.44
CA THR A 233 9.78 1.61 -5.38
C THR A 233 8.80 2.44 -4.51
N PHE A 234 7.52 2.22 -4.70
CA PHE A 234 6.50 3.05 -4.12
C PHE A 234 5.35 2.14 -3.74
N ASN A 235 4.68 2.48 -2.63
CA ASN A 235 3.46 1.77 -2.18
C ASN A 235 2.26 2.69 -2.21
N GLU A 236 1.21 2.23 -2.88
CA GLU A 236 -0.07 2.97 -2.99
C GLU A 236 -0.05 4.42 -3.45
N PRO A 237 0.48 4.69 -4.66
CA PRO A 237 0.50 6.07 -5.14
C PRO A 237 -0.83 6.69 -5.23
N HIS A 238 -1.87 5.94 -5.66
CA HIS A 238 -3.21 6.47 -5.80
C HIS A 238 -3.77 6.88 -4.42
N THR A 239 -3.68 6.03 -3.41
CA THR A 239 -4.17 6.44 -2.06
C THR A 239 -3.44 7.71 -1.54
N TYR A 240 -2.11 7.69 -1.69
CA TYR A 240 -1.27 8.76 -1.31
C TYR A 240 -1.65 10.09 -2.00
N CYS A 241 -1.77 10.10 -3.37
CA CYS A 241 -2.13 11.28 -4.03
C CYS A 241 -3.52 11.78 -3.59
N CYS A 242 -4.53 10.89 -3.56
CA CYS A 242 -5.87 11.33 -3.21
C CYS A 242 -5.96 11.91 -1.75
N PHE A 243 -5.32 11.22 -0.82
CA PHE A 243 -5.50 11.55 0.63
C PHE A 243 -4.56 12.68 1.06
N SER A 244 -3.33 12.76 0.48
CA SER A 244 -2.39 13.67 0.94
C SER A 244 -2.56 15.04 0.26
N TYR A 245 -3.09 15.02 -1.01
CA TYR A 245 -3.19 16.23 -1.80
C TYR A 245 -4.54 16.53 -2.38
N GLY A 246 -5.49 15.58 -2.26
CA GLY A 246 -6.83 15.80 -2.68
C GLY A 246 -7.77 16.11 -1.51
N GLU A 247 -8.06 15.13 -0.70
CA GLU A 247 -8.80 15.36 0.56
C GLU A 247 -7.91 15.97 1.61
N GLY A 248 -6.62 15.67 1.58
CA GLY A 248 -5.65 16.31 2.47
C GLY A 248 -5.69 15.73 3.90
N ILE A 249 -6.22 14.50 4.09
CA ILE A 249 -6.41 13.89 5.44
C ILE A 249 -5.11 13.21 5.83
N HIS A 250 -4.17 13.13 4.86
CA HIS A 250 -2.88 12.51 5.11
C HIS A 250 -1.78 13.50 4.86
N ALA A 251 -0.60 13.24 5.46
CA ALA A 251 0.56 14.15 5.36
C ALA A 251 1.00 14.31 3.87
N PRO A 252 1.30 15.56 3.42
CA PRO A 252 1.45 16.80 4.27
C PRO A 252 0.16 17.54 4.50
N GLY A 253 -1.01 17.01 4.10
CA GLY A 253 -2.26 17.52 4.57
C GLY A 253 -2.86 18.64 3.72
N ARG A 254 -2.67 18.57 2.41
CA ARG A 254 -3.07 19.66 1.52
C ARG A 254 -4.39 19.46 0.75
N CYS A 255 -5.10 20.57 0.52
CA CYS A 255 -6.33 20.51 -0.20
C CYS A 255 -6.63 21.92 -0.73
N SER A 256 -7.66 22.03 -1.60
CA SER A 256 -8.08 23.31 -2.10
C SER A 256 -8.61 24.25 -0.94
N PRO A 257 -8.35 25.60 -1.08
CA PRO A 257 -9.01 26.54 -0.25
C PRO A 257 -10.49 26.27 -0.10
N GLY A 258 -10.99 26.29 1.12
CA GLY A 258 -12.43 26.10 1.36
C GLY A 258 -12.75 24.64 1.68
N LEU A 259 -11.77 23.72 1.51
CA LEU A 259 -12.03 22.35 1.96
C LEU A 259 -11.44 22.17 3.41
N ASP A 260 -11.86 21.14 4.09
CA ASP A 260 -11.46 20.95 5.43
C ASP A 260 -10.23 20.05 5.55
N CYS A 261 -9.03 20.57 5.50
CA CYS A 261 -7.90 19.71 5.75
C CYS A 261 -6.92 20.61 6.52
N ALA A 262 -5.82 20.07 6.97
CA ALA A 262 -4.89 20.81 7.86
C ALA A 262 -4.40 22.05 7.12
N VAL A 263 -4.02 21.88 5.82
CA VAL A 263 -3.51 22.97 5.02
C VAL A 263 -4.22 23.29 3.72
N PRO A 264 -5.36 23.99 3.82
CA PRO A 264 -6.19 24.26 2.67
C PRO A 264 -5.67 25.35 1.81
N GLU A 265 -4.44 25.16 1.29
CA GLU A 265 -3.71 26.16 0.53
C GLU A 265 -3.27 25.56 -0.79
N GLY A 266 -3.85 24.37 -1.10
CA GLY A 266 -3.32 23.56 -2.20
C GLY A 266 -4.28 23.67 -3.36
N ASP A 267 -4.49 22.54 -4.06
CA ASP A 267 -5.42 22.47 -5.27
C ASP A 267 -5.73 21.00 -5.47
N SER A 268 -6.91 20.60 -5.01
CA SER A 268 -7.34 19.24 -5.02
C SER A 268 -7.52 18.65 -6.46
N LEU A 269 -7.56 19.57 -7.46
CA LEU A 269 -7.68 19.17 -8.88
C LEU A 269 -6.34 19.16 -9.55
N ARG A 270 -5.30 19.56 -8.89
CA ARG A 270 -3.98 19.64 -9.58
C ARG A 270 -2.90 19.01 -8.82
N GLU A 271 -2.79 19.30 -7.55
CA GLU A 271 -1.69 18.70 -6.73
C GLU A 271 -1.61 17.21 -6.71
N PRO A 272 -2.75 16.51 -6.63
CA PRO A 272 -2.61 15.01 -6.72
C PRO A 272 -1.91 14.54 -7.99
N TYR A 273 -2.23 15.16 -9.16
CA TYR A 273 -1.59 14.72 -10.44
C TYR A 273 -0.15 15.10 -10.48
N THR A 274 0.18 16.27 -9.95
CA THR A 274 1.61 16.68 -9.93
C THR A 274 2.42 15.70 -9.13
N ALA A 275 1.98 15.38 -7.89
CA ALA A 275 2.68 14.44 -7.02
C ALA A 275 2.78 13.10 -7.71
N GLY A 276 1.67 12.66 -8.30
CA GLY A 276 1.66 11.41 -8.99
C GLY A 276 2.70 11.34 -10.11
N HIS A 277 2.77 12.42 -10.86
CA HIS A 277 3.63 12.40 -12.05
C HIS A 277 5.03 12.28 -11.60
N HIS A 278 5.38 13.03 -10.53
CA HIS A 278 6.80 12.89 -10.01
C HIS A 278 7.12 11.48 -9.44
N ILE A 279 6.17 10.87 -8.77
CA ILE A 279 6.36 9.49 -8.34
C ILE A 279 6.75 8.58 -9.50
N LEU A 280 5.96 8.69 -10.56
CA LEU A 280 6.18 7.87 -11.77
C LEU A 280 7.54 8.21 -12.38
N LEU A 281 7.89 9.47 -12.52
CA LEU A 281 9.25 9.85 -13.03
C LEU A 281 10.33 9.32 -12.08
N ALA A 282 10.11 9.45 -10.77
CA ALA A 282 11.10 8.93 -9.75
C ALA A 282 11.31 7.44 -9.90
N HIS A 283 10.18 6.73 -10.04
CA HIS A 283 10.18 5.31 -10.27
C HIS A 283 11.02 4.95 -11.48
N ALA A 284 10.72 5.58 -12.62
CA ALA A 284 11.44 5.26 -13.90
C ALA A 284 12.93 5.50 -13.72
N GLU A 285 13.33 6.61 -13.08
CA GLU A 285 14.79 6.87 -12.85
C GLU A 285 15.45 5.82 -12.00
N ALA A 286 14.76 5.42 -10.90
CA ALA A 286 15.36 4.43 -9.99
C ALA A 286 15.49 3.05 -10.66
N VAL A 287 14.45 2.66 -11.39
CA VAL A 287 14.48 1.38 -12.09
C VAL A 287 15.56 1.37 -13.18
N GLU A 288 15.67 2.49 -13.93
CA GLU A 288 16.75 2.56 -14.93
C GLU A 288 18.13 2.35 -14.23
N LEU A 289 18.38 3.08 -13.14
CA LEU A 289 19.60 2.97 -12.37
C LEU A 289 19.86 1.58 -11.78
N PHE A 290 18.79 0.96 -11.28
CA PHE A 290 18.86 -0.38 -10.78
C PHE A 290 19.29 -1.37 -11.83
N LYS A 291 18.62 -1.37 -12.98
CA LYS A 291 18.92 -2.36 -14.03
C LYS A 291 20.32 -2.14 -14.63
N ALA A 292 20.82 -0.91 -14.61
CA ALA A 292 22.07 -0.62 -15.22
C ALA A 292 23.23 -0.90 -14.27
N HIS A 293 23.07 -0.71 -12.95
CA HIS A 293 24.25 -0.79 -12.11
C HIS A 293 24.03 -1.74 -10.84
N TYR A 294 22.82 -2.33 -10.61
CA TYR A 294 22.62 -3.01 -9.36
C TYR A 294 21.98 -4.34 -9.52
N ASN A 295 22.07 -4.86 -10.71
CA ASN A 295 21.52 -6.16 -11.00
C ASN A 295 22.53 -7.07 -11.74
N LYS A 296 23.77 -6.98 -11.29
CA LYS A 296 24.96 -7.63 -12.11
C LYS A 296 24.64 -9.21 -12.18
N HIS A 297 24.15 -9.85 -11.09
CA HIS A 297 23.81 -11.30 -11.22
C HIS A 297 22.54 -11.52 -11.98
N GLY A 298 21.78 -10.48 -12.25
CA GLY A 298 20.47 -10.72 -12.89
C GLY A 298 19.46 -11.51 -11.98
N ASP A 299 19.72 -11.52 -10.65
CA ASP A 299 18.87 -12.27 -9.70
C ASP A 299 17.87 -11.32 -8.92
N SER A 300 17.79 -10.03 -9.26
CA SER A 300 17.02 -9.05 -8.51
C SER A 300 15.80 -8.55 -9.29
N LYS A 301 14.75 -8.22 -8.60
CA LYS A 301 13.50 -7.77 -9.25
C LYS A 301 12.96 -6.52 -8.54
N ILE A 302 12.32 -5.66 -9.34
CA ILE A 302 11.93 -4.35 -8.89
C ILE A 302 10.59 -4.06 -9.49
N GLY A 303 9.68 -3.49 -8.71
CA GLY A 303 8.33 -3.15 -9.23
C GLY A 303 7.69 -2.07 -8.36
N MET A 304 6.36 -2.02 -8.35
CA MET A 304 5.67 -0.95 -7.64
C MET A 304 4.45 -1.67 -7.05
N ALA A 305 3.86 -1.16 -5.98
CA ALA A 305 2.66 -1.77 -5.39
C ALA A 305 1.53 -0.82 -5.43
N PHE A 306 0.35 -1.25 -5.89
CA PHE A 306 -0.78 -0.39 -6.19
C PHE A 306 -1.92 -0.73 -5.31
N ASP A 307 -2.55 0.30 -4.74
CA ASP A 307 -3.83 0.09 -4.16
C ASP A 307 -4.88 -0.11 -5.24
N VAL A 308 -5.78 -1.11 -5.03
CA VAL A 308 -6.84 -1.39 -5.97
C VAL A 308 -8.09 -1.74 -5.26
N MET A 309 -9.23 -1.20 -5.70
CA MET A 309 -10.52 -1.68 -5.36
C MET A 309 -11.10 -2.39 -6.51
N GLY A 310 -11.91 -3.46 -6.22
CA GLY A 310 -12.71 -4.09 -7.23
C GLY A 310 -13.87 -3.13 -7.54
N TYR A 311 -14.44 -3.19 -8.76
CA TYR A 311 -15.65 -2.50 -9.09
C TYR A 311 -16.68 -3.37 -9.78
N GLU A 312 -17.95 -3.14 -9.45
CA GLU A 312 -19.05 -3.76 -10.11
C GLU A 312 -19.92 -2.60 -10.60
N PRO A 313 -20.61 -2.78 -11.73
CA PRO A 313 -21.50 -1.70 -12.15
C PRO A 313 -22.62 -1.49 -11.16
N TYR A 314 -22.96 -0.22 -10.88
CA TYR A 314 -24.02 0.03 -9.88
C TYR A 314 -25.35 -0.62 -10.33
N GLN A 315 -25.73 -0.37 -11.59
CA GLN A 315 -26.85 -1.02 -12.12
C GLN A 315 -26.57 -1.69 -13.45
N ASP A 316 -27.43 -2.59 -13.88
CA ASP A 316 -27.33 -3.21 -15.23
C ASP A 316 -27.60 -2.14 -16.32
N SER A 317 -26.55 -1.57 -16.85
CA SER A 317 -26.71 -0.41 -17.75
C SER A 317 -25.40 -0.34 -18.43
N PHE A 318 -25.38 -0.08 -19.77
CA PHE A 318 -24.08 0.08 -20.46
C PHE A 318 -23.36 1.33 -19.90
N LEU A 319 -24.11 2.31 -19.38
CA LEU A 319 -23.46 3.50 -18.75
C LEU A 319 -22.64 3.11 -17.56
N ASP A 320 -23.17 2.20 -16.73
CA ASP A 320 -22.43 1.80 -15.49
C ASP A 320 -21.32 0.88 -15.85
N ASP A 321 -21.50 0.16 -16.97
CA ASP A 321 -20.37 -0.64 -17.51
C ASP A 321 -19.21 0.30 -17.88
N GLN A 322 -19.55 1.41 -18.53
CA GLN A 322 -18.54 2.40 -18.89
C GLN A 322 -17.98 3.02 -17.62
N ALA A 323 -18.86 3.37 -16.67
CA ALA A 323 -18.37 3.99 -15.38
C ALA A 323 -17.40 3.02 -14.71
N ARG A 324 -17.74 1.74 -14.68
CA ARG A 324 -16.85 0.78 -14.05
C ARG A 324 -15.46 0.80 -14.67
N GLU A 325 -15.36 0.86 -15.98
CA GLU A 325 -14.04 0.88 -16.59
C GLU A 325 -13.27 2.23 -16.26
N ARG A 326 -14.02 3.34 -16.10
CA ARG A 326 -13.38 4.57 -15.68
C ARG A 326 -12.87 4.47 -14.19
N SER A 327 -13.64 3.82 -13.32
CA SER A 327 -13.22 3.61 -11.90
C SER A 327 -11.96 2.85 -11.79
N ILE A 328 -11.87 1.80 -12.60
CA ILE A 328 -10.67 0.98 -12.57
C ILE A 328 -9.45 1.72 -13.21
N ASP A 329 -9.65 2.43 -14.35
CA ASP A 329 -8.58 3.26 -14.82
C ASP A 329 -8.10 4.24 -13.78
N TYR A 330 -9.05 4.87 -13.05
CA TYR A 330 -8.66 5.95 -12.17
C TYR A 330 -7.94 5.34 -10.92
N ASN A 331 -8.52 4.25 -10.36
CA ASN A 331 -7.99 3.65 -9.13
C ASN A 331 -6.71 2.88 -9.43
N MET A 332 -6.76 2.02 -10.48
CA MET A 332 -5.61 1.16 -10.75
C MET A 332 -4.74 1.66 -11.93
N GLY A 333 -5.39 2.04 -13.04
CA GLY A 333 -4.68 2.36 -14.27
C GLY A 333 -3.84 3.68 -14.17
N TRP A 334 -4.30 4.60 -13.34
CA TRP A 334 -3.49 5.85 -13.03
C TRP A 334 -2.00 5.58 -12.93
N PHE A 335 -1.65 4.61 -12.14
CA PHE A 335 -0.29 4.28 -11.97
C PHE A 335 0.21 3.02 -12.68
N LEU A 336 -0.67 2.07 -12.87
CA LEU A 336 -0.27 0.86 -13.53
C LEU A 336 -0.11 1.09 -15.07
N GLU A 337 -1.01 1.84 -15.71
CA GLU A 337 -0.92 1.96 -17.17
C GLU A 337 0.42 2.68 -17.59
N PRO A 338 0.90 3.68 -16.82
CA PRO A 338 2.27 4.18 -17.09
C PRO A 338 3.40 3.14 -17.05
N VAL A 339 3.41 2.22 -16.08
CA VAL A 339 4.52 1.25 -16.02
C VAL A 339 4.31 0.16 -17.08
N VAL A 340 3.11 0.09 -17.63
CA VAL A 340 2.85 -0.90 -18.70
C VAL A 340 3.18 -0.30 -20.12
N ARG A 341 2.59 0.86 -20.46
CA ARG A 341 2.74 1.42 -21.77
C ARG A 341 3.47 2.80 -21.82
N GLY A 342 3.80 3.34 -20.66
CA GLY A 342 4.42 4.62 -20.56
C GLY A 342 3.50 5.79 -20.76
N ASP A 343 2.21 5.62 -20.54
CA ASP A 343 1.29 6.79 -20.52
C ASP A 343 0.14 6.45 -19.55
N TYR A 344 -0.60 7.48 -19.09
CA TYR A 344 -1.80 7.33 -18.32
C TYR A 344 -2.91 6.74 -19.17
N PRO A 345 -3.97 6.18 -18.55
CA PRO A 345 -5.14 5.71 -19.34
C PRO A 345 -5.70 6.84 -20.13
N PHE A 346 -6.15 6.51 -21.34
CA PHE A 346 -6.79 7.46 -22.23
C PHE A 346 -7.97 8.10 -21.49
N SER A 347 -8.78 7.35 -20.74
CA SER A 347 -9.96 8.01 -20.08
C SER A 347 -9.49 9.21 -19.21
N MET A 348 -8.42 9.03 -18.49
CA MET A 348 -7.89 10.09 -17.62
C MET A 348 -7.40 11.36 -18.39
N ARG A 349 -6.58 11.13 -19.41
CA ARG A 349 -6.17 12.27 -20.31
C ARG A 349 -7.35 12.94 -20.90
N SER A 350 -8.38 12.23 -21.31
CA SER A 350 -9.52 12.88 -21.88
C SER A 350 -10.33 13.69 -20.92
N LEU A 351 -10.38 13.26 -19.62
CA LEU A 351 -11.20 13.97 -18.66
C LEU A 351 -10.41 15.06 -17.88
N ILE A 352 -9.10 14.89 -17.76
CA ILE A 352 -8.29 15.70 -16.86
C ILE A 352 -7.44 16.73 -17.70
N GLY A 353 -7.17 16.40 -18.97
CA GLY A 353 -6.53 17.37 -19.91
C GLY A 353 -5.21 17.98 -19.40
N ASP A 354 -5.12 19.34 -19.40
CA ASP A 354 -3.91 20.07 -18.97
C ASP A 354 -3.55 19.89 -17.46
N ARG A 355 -4.47 19.36 -16.67
CA ARG A 355 -4.12 19.10 -15.20
C ARG A 355 -3.33 17.84 -15.05
N LEU A 356 -3.17 17.08 -16.13
CA LEU A 356 -2.48 15.79 -16.09
C LEU A 356 -1.19 15.88 -16.94
N PRO A 357 0.00 15.99 -16.31
CA PRO A 357 1.20 16.30 -17.13
C PRO A 357 1.51 15.25 -18.22
N MET A 358 2.16 15.72 -19.30
CA MET A 358 2.54 14.89 -20.42
C MET A 358 3.89 14.25 -20.13
N PHE A 359 4.12 13.02 -20.56
CA PHE A 359 5.47 12.47 -20.50
C PHE A 359 6.26 12.84 -21.75
N THR A 360 7.56 13.03 -21.63
CA THR A 360 8.37 13.11 -22.83
C THR A 360 8.57 11.70 -23.43
N LYS A 361 9.09 11.62 -24.64
CA LYS A 361 9.34 10.32 -25.25
C LYS A 361 10.33 9.54 -24.49
N GLU A 362 11.40 10.18 -24.00
CA GLU A 362 12.36 9.44 -23.16
C GLU A 362 11.58 8.86 -21.91
N GLU A 363 10.70 9.62 -21.31
CA GLU A 363 10.05 9.21 -20.08
C GLU A 363 9.09 8.02 -20.39
N GLN A 364 8.37 8.10 -21.52
CA GLN A 364 7.44 7.05 -21.97
C GLN A 364 8.16 5.71 -22.04
N GLU A 365 9.36 5.75 -22.57
CA GLU A 365 10.04 4.53 -22.91
C GLU A 365 10.72 3.98 -21.61
N LYS A 366 11.24 4.90 -20.79
CA LYS A 366 11.80 4.50 -19.50
C LYS A 366 10.67 3.83 -18.58
N LEU A 367 9.44 4.36 -18.63
CA LEU A 367 8.33 3.88 -17.83
C LEU A 367 7.80 2.53 -18.34
N ALA A 368 7.64 2.36 -19.68
CA ALA A 368 7.01 1.17 -20.26
C ALA A 368 7.81 -0.07 -19.92
N SER A 369 7.17 -1.16 -19.48
CA SER A 369 7.85 -2.34 -19.01
C SER A 369 8.87 -2.07 -17.84
N SER A 370 8.67 -1.03 -17.05
CA SER A 370 9.58 -0.81 -15.89
C SER A 370 9.34 -1.69 -14.61
N CYS A 371 8.35 -2.57 -14.57
CA CYS A 371 8.22 -3.47 -13.39
C CYS A 371 8.51 -4.94 -13.74
N ASP A 372 9.37 -5.60 -13.00
CA ASP A 372 9.53 -7.07 -13.09
C ASP A 372 8.38 -7.76 -12.37
N ILE A 373 7.86 -7.09 -11.33
CA ILE A 373 6.85 -7.66 -10.43
C ILE A 373 5.94 -6.50 -10.13
N MET A 374 4.67 -6.81 -9.91
CA MET A 374 3.68 -5.85 -9.42
C MET A 374 3.01 -6.30 -8.11
N GLY A 375 2.78 -5.37 -7.18
CA GLY A 375 2.07 -5.65 -5.96
C GLY A 375 0.67 -5.13 -6.11
N LEU A 376 -0.31 -5.92 -5.70
CA LEU A 376 -1.65 -5.41 -5.63
C LEU A 376 -2.08 -5.39 -4.13
N ASN A 377 -2.52 -4.23 -3.66
CA ASN A 377 -2.92 -4.08 -2.25
C ASN A 377 -4.44 -4.06 -2.32
N TYR A 378 -5.08 -5.13 -1.89
CA TYR A 378 -6.49 -5.22 -2.05
C TYR A 378 -7.29 -5.40 -0.71
N TYR A 379 -8.39 -4.67 -0.50
CA TYR A 379 -9.17 -4.80 0.70
C TYR A 379 -10.64 -5.08 0.42
N THR A 380 -11.15 -4.39 -0.60
CA THR A 380 -12.54 -4.24 -0.73
C THR A 380 -12.94 -3.87 -2.25
N SER A 381 -14.23 -3.69 -2.51
CA SER A 381 -14.76 -3.33 -3.78
C SER A 381 -15.88 -2.31 -3.57
N ARG A 382 -16.29 -1.67 -4.67
CA ARG A 382 -17.42 -0.73 -4.69
C ARG A 382 -18.28 -0.95 -5.95
N PHE A 383 -19.47 -0.38 -5.92
CA PHE A 383 -20.24 -0.23 -7.07
C PHE A 383 -19.80 1.08 -7.79
N SER A 384 -19.76 1.05 -9.11
CA SER A 384 -19.42 2.23 -9.87
C SER A 384 -20.66 2.79 -10.56
N LYS A 385 -20.99 4.02 -10.27
CA LYS A 385 -22.17 4.62 -10.78
C LYS A 385 -21.85 5.78 -11.74
N HIS A 386 -22.37 5.76 -12.95
CA HIS A 386 -22.08 6.73 -14.01
C HIS A 386 -22.57 8.12 -13.59
N VAL A 387 -21.67 9.10 -13.74
CA VAL A 387 -21.98 10.57 -13.57
C VAL A 387 -21.91 11.23 -14.95
N ASP A 388 -22.89 12.01 -15.38
CA ASP A 388 -22.81 12.67 -16.73
C ASP A 388 -21.94 13.88 -16.78
N ILE A 389 -21.22 14.09 -17.87
CA ILE A 389 -20.63 15.36 -18.16
C ILE A 389 -21.81 16.33 -18.44
N SER A 390 -21.94 17.38 -17.65
CA SER A 390 -23.02 18.35 -17.84
C SER A 390 -22.62 19.78 -17.43
N SER A 391 -23.41 20.73 -17.86
CA SER A 391 -23.25 22.16 -17.47
C SER A 391 -23.25 22.42 -15.99
N ASP A 392 -24.13 21.76 -15.28
CA ASP A 392 -24.36 21.99 -13.85
C ASP A 392 -23.35 21.26 -12.95
N TYR A 393 -22.39 20.54 -13.55
CA TYR A 393 -21.45 19.74 -12.71
C TYR A 393 -20.00 20.05 -12.98
N THR A 394 -19.25 20.43 -11.94
CA THR A 394 -17.80 20.56 -12.02
C THR A 394 -17.08 19.83 -10.90
N PRO A 395 -15.98 19.12 -11.21
CA PRO A 395 -15.16 18.41 -10.26
C PRO A 395 -14.59 19.30 -9.21
N THR A 396 -14.54 18.82 -7.96
CA THR A 396 -13.86 19.60 -6.88
C THR A 396 -12.71 18.83 -6.30
N LEU A 397 -12.83 17.51 -6.23
CA LEU A 397 -11.70 16.65 -5.84
C LEU A 397 -11.15 15.90 -7.03
N ASN A 398 -9.86 15.57 -7.01
CA ASN A 398 -9.33 14.81 -8.09
C ASN A 398 -10.15 13.57 -8.46
N THR A 399 -10.75 12.88 -7.44
CA THR A 399 -11.44 11.62 -7.73
C THR A 399 -12.75 11.88 -8.48
N ASP A 400 -13.34 13.10 -8.37
CA ASP A 400 -14.43 13.49 -9.29
C ASP A 400 -14.10 13.35 -10.83
N ASP A 401 -12.80 13.36 -11.16
CA ASP A 401 -12.42 13.38 -12.61
C ASP A 401 -12.75 12.00 -13.31
N ALA A 402 -13.12 10.97 -12.54
CA ALA A 402 -13.55 9.65 -13.12
C ALA A 402 -14.93 9.69 -13.61
N TYR A 403 -15.76 10.67 -13.19
CA TYR A 403 -17.14 10.68 -13.58
C TYR A 403 -17.81 9.31 -13.24
N ALA A 404 -17.53 8.83 -12.06
CA ALA A 404 -18.07 7.53 -11.60
C ALA A 404 -18.03 7.52 -10.12
N SER A 405 -19.20 7.55 -9.44
CA SER A 405 -19.09 7.62 -7.97
C SER A 405 -18.95 6.16 -7.42
N SER A 406 -18.13 5.97 -6.39
CA SER A 406 -17.99 4.69 -5.73
C SER A 406 -19.07 4.52 -4.68
N GLU A 407 -19.93 3.53 -4.81
CA GLU A 407 -21.06 3.41 -3.96
C GLU A 407 -20.84 2.12 -3.18
N THR A 408 -21.27 2.10 -1.91
CA THR A 408 -21.10 0.90 -1.11
C THR A 408 -22.36 0.12 -1.26
N THR A 409 -23.45 0.78 -1.67
CA THR A 409 -24.67 0.04 -1.97
C THR A 409 -25.11 0.04 -3.48
N GLY A 410 -25.63 -1.06 -3.99
CA GLY A 410 -25.91 -1.29 -5.39
C GLY A 410 -27.34 -0.91 -5.68
N SER A 411 -27.75 -1.13 -6.94
CA SER A 411 -29.05 -0.68 -7.43
C SER A 411 -30.20 -1.36 -6.77
N ASP A 412 -29.94 -2.59 -6.28
CA ASP A 412 -31.03 -3.34 -5.61
C ASP A 412 -31.14 -2.94 -4.10
N GLY A 413 -30.40 -1.90 -3.68
CA GLY A 413 -30.43 -1.42 -2.28
C GLY A 413 -29.47 -2.24 -1.31
N ASN A 414 -28.82 -3.31 -1.78
CA ASN A 414 -27.85 -4.06 -0.93
C ASN A 414 -26.41 -3.54 -0.92
N GLU A 415 -25.81 -3.55 0.23
CA GLU A 415 -24.38 -3.34 0.33
C GLU A 415 -23.62 -4.39 -0.47
N ILE A 416 -22.40 -4.06 -0.90
CA ILE A 416 -21.70 -4.93 -1.77
C ILE A 416 -21.33 -6.23 -1.04
N GLY A 417 -21.04 -6.19 0.26
CA GLY A 417 -20.61 -7.45 1.00
C GLY A 417 -20.71 -7.06 2.51
N PRO A 418 -20.40 -8.00 3.43
CA PRO A 418 -20.51 -7.66 4.85
C PRO A 418 -19.41 -6.70 5.36
N ILE A 419 -19.76 -5.78 6.25
CA ILE A 419 -18.72 -4.99 6.98
C ILE A 419 -17.85 -5.86 7.89
N THR A 420 -16.59 -5.51 8.01
CA THR A 420 -15.65 -6.36 8.64
C THR A 420 -15.09 -5.68 9.89
N GLY A 421 -15.44 -4.41 10.16
CA GLY A 421 -14.91 -3.71 11.32
C GLY A 421 -14.78 -2.20 11.07
N THR A 422 -13.75 -1.77 10.35
CA THR A 422 -13.63 -0.38 9.94
C THR A 422 -14.64 -0.10 8.82
N TYR A 423 -15.11 1.15 8.71
CA TYR A 423 -16.32 1.48 7.97
C TYR A 423 -16.09 1.25 6.45
N TRP A 424 -14.85 1.22 5.98
CA TRP A 424 -14.61 1.19 4.55
C TRP A 424 -14.25 -0.23 3.97
N ILE A 425 -14.02 -1.24 4.82
CA ILE A 425 -13.71 -2.60 4.43
C ILE A 425 -14.92 -3.49 4.39
N TYR A 426 -15.57 -3.55 3.20
CA TYR A 426 -16.70 -4.42 2.97
C TYR A 426 -16.11 -5.69 2.30
N MET A 427 -16.53 -6.86 2.74
CA MET A 427 -15.90 -8.09 2.31
C MET A 427 -16.45 -8.47 0.90
N TYR A 428 -15.59 -8.56 -0.10
CA TYR A 428 -16.04 -8.90 -1.48
C TYR A 428 -14.89 -9.59 -2.22
N PRO A 429 -14.59 -10.85 -1.80
CA PRO A 429 -13.37 -11.49 -2.40
C PRO A 429 -13.42 -11.65 -3.91
N LYS A 430 -14.61 -11.76 -4.47
CA LYS A 430 -14.76 -11.86 -5.95
C LYS A 430 -14.09 -10.70 -6.70
N GLY A 431 -14.11 -9.49 -6.09
CA GLY A 431 -13.50 -8.32 -6.73
C GLY A 431 -12.04 -8.54 -6.95
N LEU A 432 -11.38 -9.26 -6.06
CA LEU A 432 -9.96 -9.55 -6.20
C LEU A 432 -9.64 -10.51 -7.38
N THR A 433 -10.35 -11.62 -7.44
CA THR A 433 -10.23 -12.54 -8.60
C THR A 433 -10.48 -11.76 -9.93
N ASP A 434 -11.52 -10.95 -9.99
CA ASP A 434 -11.77 -10.16 -11.14
C ASP A 434 -10.60 -9.29 -11.55
N LEU A 435 -10.00 -8.52 -10.63
CA LEU A 435 -8.88 -7.67 -10.94
C LEU A 435 -7.69 -8.51 -11.37
N LEU A 436 -7.47 -9.68 -10.75
CA LEU A 436 -6.37 -10.51 -11.16
C LEU A 436 -6.55 -11.01 -12.66
N LEU A 437 -7.80 -11.21 -13.13
CA LEU A 437 -8.06 -11.69 -14.44
C LEU A 437 -7.86 -10.54 -15.45
N ILE A 438 -8.16 -9.27 -15.04
CA ILE A 438 -7.81 -8.11 -15.84
C ILE A 438 -6.32 -8.01 -16.03
N MET A 439 -5.54 -8.28 -14.96
CA MET A 439 -4.14 -8.24 -15.13
C MET A 439 -3.71 -9.23 -16.20
N LYS A 440 -4.34 -10.42 -16.15
CA LYS A 440 -3.95 -11.51 -17.03
C LYS A 440 -4.34 -11.17 -18.49
N GLU A 441 -5.59 -10.81 -18.69
CA GLU A 441 -6.15 -10.66 -19.98
C GLU A 441 -5.83 -9.34 -20.65
N LYS A 442 -5.65 -8.28 -19.89
CA LYS A 442 -5.51 -6.95 -20.49
C LYS A 442 -4.04 -6.53 -20.46
N TYR A 443 -3.38 -6.75 -19.32
CA TYR A 443 -2.02 -6.17 -19.13
C TYR A 443 -0.86 -7.15 -19.30
N GLY A 444 -1.13 -8.31 -19.91
CA GLY A 444 -0.03 -9.24 -20.20
C GLY A 444 0.36 -10.25 -19.14
N ASN A 445 -0.48 -10.43 -18.09
CA ASN A 445 -0.25 -11.42 -17.05
C ASN A 445 1.13 -11.26 -16.39
N PRO A 446 1.47 -10.03 -16.00
CA PRO A 446 2.80 -9.97 -15.35
C PRO A 446 2.73 -10.67 -13.92
N PRO A 447 3.87 -10.98 -13.35
CA PRO A 447 3.96 -11.60 -11.95
C PRO A 447 3.35 -10.64 -10.90
N ILE A 448 2.30 -11.16 -10.24
CA ILE A 448 1.56 -10.38 -9.23
C ILE A 448 1.88 -10.90 -7.82
N PHE A 449 2.25 -10.01 -6.91
CA PHE A 449 2.10 -10.32 -5.47
C PHE A 449 0.93 -9.56 -4.85
N ILE A 450 0.06 -10.21 -4.04
CA ILE A 450 -0.87 -9.52 -3.17
C ILE A 450 -0.06 -9.00 -2.02
N THR A 451 0.34 -7.73 -2.11
CA THR A 451 1.28 -7.19 -1.13
C THR A 451 0.60 -6.59 0.16
N GLU A 452 -0.73 -6.48 0.12
CA GLU A 452 -1.56 -6.10 1.29
C GLU A 452 -2.90 -6.71 1.13
N ASN A 453 -3.44 -7.25 2.19
CA ASN A 453 -4.88 -7.74 2.19
C ASN A 453 -5.15 -8.04 3.65
N GLY A 454 -6.31 -7.67 4.15
CA GLY A 454 -6.59 -7.86 5.57
C GLY A 454 -7.80 -7.03 6.01
N ILE A 455 -8.02 -6.92 7.33
CA ILE A 455 -9.15 -6.14 7.88
C ILE A 455 -8.72 -5.48 9.19
N ALA A 456 -9.48 -4.46 9.62
CA ALA A 456 -9.22 -3.89 10.97
C ALA A 456 -10.23 -4.49 11.98
N ASP A 457 -9.78 -4.61 13.22
CA ASP A 457 -10.68 -4.68 14.36
C ASP A 457 -10.62 -3.23 14.98
N VAL A 458 -11.80 -2.70 15.28
CA VAL A 458 -11.88 -1.30 15.71
C VAL A 458 -11.96 -1.33 17.25
N GLU A 459 -11.07 -0.55 17.87
CA GLU A 459 -11.01 -0.41 19.31
C GLU A 459 -12.38 -0.05 19.88
N GLY A 460 -12.78 -0.78 20.95
CA GLY A 460 -14.08 -0.56 21.59
C GLY A 460 -15.33 -1.13 20.91
N ASP A 461 -15.17 -1.76 19.75
CA ASP A 461 -16.30 -2.38 19.06
C ASP A 461 -16.80 -3.52 19.98
N PRO A 462 -18.11 -3.47 20.42
CA PRO A 462 -18.62 -4.51 21.37
C PRO A 462 -18.68 -5.91 20.75
N GLU A 463 -18.70 -6.02 19.42
CA GLU A 463 -18.68 -7.37 18.81
C GLU A 463 -17.24 -7.88 18.52
N MET A 464 -16.19 -7.13 18.90
CA MET A 464 -14.83 -7.68 18.90
C MET A 464 -14.18 -7.30 20.25
N PRO A 465 -14.72 -7.91 21.34
CA PRO A 465 -14.25 -7.61 22.74
C PRO A 465 -12.96 -8.30 23.08
N ASP A 466 -12.58 -9.31 22.35
CA ASP A 466 -11.28 -9.94 22.68
C ASP A 466 -10.35 -9.84 21.43
N PRO A 467 -9.32 -8.99 21.51
CA PRO A 467 -8.46 -8.62 20.39
C PRO A 467 -7.73 -9.78 19.81
N LEU A 468 -7.57 -10.89 20.55
CA LEU A 468 -6.91 -12.11 20.01
C LEU A 468 -7.91 -13.08 19.33
N ASP A 469 -9.18 -13.01 19.64
CA ASP A 469 -10.13 -13.88 19.01
C ASP A 469 -10.61 -13.30 17.62
N ASP A 470 -9.68 -13.22 16.65
CA ASP A 470 -9.99 -12.51 15.39
C ASP A 470 -10.45 -13.59 14.31
N TRP A 471 -11.54 -14.31 14.64
CA TRP A 471 -12.08 -15.30 13.70
C TRP A 471 -12.55 -14.56 12.44
N LYS A 472 -12.99 -13.31 12.58
CA LYS A 472 -13.50 -12.56 11.47
C LYS A 472 -12.41 -12.20 10.42
N ARG A 473 -11.28 -11.66 10.91
CA ARG A 473 -10.09 -11.49 10.13
C ARG A 473 -9.69 -12.86 9.46
N LEU A 474 -9.68 -13.92 10.22
CA LEU A 474 -9.23 -15.24 9.73
C LEU A 474 -10.15 -15.70 8.58
N ASP A 475 -11.42 -15.64 8.79
CA ASP A 475 -12.36 -16.00 7.76
C ASP A 475 -12.18 -15.11 6.45
N TYR A 476 -12.03 -13.80 6.61
CA TYR A 476 -11.78 -12.90 5.46
C TYR A 476 -10.46 -13.35 4.78
N LEU A 477 -9.42 -13.59 5.51
CA LEU A 477 -8.18 -13.92 4.89
C LEU A 477 -8.26 -15.31 4.13
N GLN A 478 -8.93 -16.28 4.72
CA GLN A 478 -9.16 -17.56 4.11
C GLN A 478 -9.97 -17.40 2.82
N ARG A 479 -10.99 -16.53 2.82
CA ARG A 479 -11.77 -16.29 1.60
C ARG A 479 -10.93 -15.62 0.54
N HIS A 480 -10.00 -14.76 0.92
CA HIS A 480 -9.20 -14.06 -0.08
C HIS A 480 -8.12 -14.93 -0.66
N ILE A 481 -7.48 -15.72 0.17
CA ILE A 481 -6.56 -16.73 -0.29
C ILE A 481 -7.23 -17.71 -1.24
N SER A 482 -8.47 -18.07 -0.95
CA SER A 482 -9.24 -18.92 -1.80
C SER A 482 -9.58 -18.20 -3.13
N ALA A 483 -9.89 -16.92 -3.10
CA ALA A 483 -10.08 -16.14 -4.33
C ALA A 483 -8.79 -16.02 -5.17
N VAL A 484 -7.62 -15.94 -4.52
CA VAL A 484 -6.35 -15.97 -5.24
C VAL A 484 -6.17 -17.36 -5.93
N LYS A 485 -6.49 -18.47 -5.22
CA LYS A 485 -6.49 -19.77 -5.82
C LYS A 485 -7.41 -19.83 -7.09
N ASP A 486 -8.65 -19.34 -7.00
CA ASP A 486 -9.50 -19.20 -8.13
C ASP A 486 -8.78 -18.50 -9.32
N ALA A 487 -8.11 -17.39 -9.08
CA ALA A 487 -7.46 -16.68 -10.18
C ALA A 487 -6.35 -17.55 -10.75
N ILE A 488 -5.54 -18.16 -9.89
CA ILE A 488 -4.44 -19.01 -10.35
C ILE A 488 -4.98 -20.21 -11.24
N ASP A 489 -6.06 -20.86 -10.79
CA ASP A 489 -6.72 -21.94 -11.54
C ASP A 489 -7.17 -21.37 -12.93
N GLN A 490 -7.56 -20.09 -13.01
CA GLN A 490 -7.99 -19.53 -14.28
C GLN A 490 -6.80 -18.99 -15.05
N GLY A 491 -5.57 -19.24 -14.61
CA GLY A 491 -4.39 -18.87 -15.33
C GLY A 491 -3.63 -17.55 -14.90
N ALA A 492 -4.10 -16.83 -13.88
CA ALA A 492 -3.43 -15.61 -13.43
C ALA A 492 -2.08 -15.93 -12.77
N ASP A 493 -1.06 -15.20 -13.16
CA ASP A 493 0.26 -15.42 -12.65
C ASP A 493 0.49 -14.71 -11.24
N VAL A 494 -0.08 -15.28 -10.16
CA VAL A 494 0.01 -14.78 -8.79
C VAL A 494 1.06 -15.55 -8.08
N ARG A 495 2.01 -14.89 -7.45
CA ARG A 495 3.21 -15.53 -6.88
C ARG A 495 3.27 -15.47 -5.38
N GLY A 496 2.38 -14.70 -4.74
CA GLY A 496 2.46 -14.60 -3.26
C GLY A 496 1.31 -13.82 -2.64
N HIS A 497 1.16 -13.97 -1.29
CA HIS A 497 0.08 -13.35 -0.56
C HIS A 497 0.67 -12.87 0.72
N PHE A 498 0.67 -11.53 0.92
CA PHE A 498 1.22 -10.89 2.09
C PHE A 498 0.10 -10.22 2.82
N THR A 499 -0.20 -10.71 4.03
CA THR A 499 -1.25 -10.12 4.79
C THR A 499 -0.87 -8.70 5.29
N TRP A 500 -1.79 -7.76 5.19
CA TRP A 500 -1.58 -6.53 5.98
C TRP A 500 -2.41 -6.69 7.29
N GLY A 501 -1.79 -6.57 8.45
CA GLY A 501 -0.36 -6.34 8.70
C GLY A 501 0.26 -7.46 9.56
N LEU A 502 1.57 -7.58 9.55
CA LEU A 502 2.20 -8.49 10.48
C LEU A 502 1.75 -8.24 11.95
N ILE A 503 1.76 -6.98 12.34
CA ILE A 503 1.47 -6.54 13.76
C ILE A 503 0.55 -5.33 13.70
N ASP A 504 -0.31 -5.21 14.69
CA ASP A 504 -1.10 -3.99 14.91
C ASP A 504 -0.13 -2.75 14.84
N ASN A 505 -0.60 -1.68 14.23
CA ASN A 505 0.33 -0.60 13.95
C ASN A 505 -0.47 0.71 13.83
N PHE A 506 0.28 1.76 13.57
CA PHE A 506 -0.39 3.10 13.50
C PHE A 506 -1.11 3.22 12.12
N GLU A 507 -2.43 3.15 12.14
CA GLU A 507 -3.21 3.22 10.93
C GLU A 507 -3.50 4.70 10.57
N TRP A 508 -2.43 5.45 10.29
CA TRP A 508 -2.57 6.86 9.75
C TRP A 508 -3.62 7.66 10.48
N GLY A 509 -4.61 8.22 9.75
CA GLY A 509 -5.56 9.09 10.37
C GLY A 509 -6.44 8.45 11.42
N SER A 510 -6.36 7.11 11.54
CA SER A 510 -7.14 6.41 12.57
C SER A 510 -6.29 6.01 13.82
N GLY A 511 -5.05 6.29 13.78
CA GLY A 511 -4.15 5.91 14.87
C GLY A 511 -4.20 4.42 15.17
N TYR A 512 -4.08 4.09 16.45
CA TYR A 512 -3.98 2.69 16.82
C TYR A 512 -5.37 2.09 16.96
N SER A 513 -6.42 2.93 16.85
CA SER A 513 -7.72 2.44 17.09
C SER A 513 -8.21 1.33 16.03
N SER A 514 -7.58 1.33 14.84
CA SER A 514 -7.80 0.28 13.85
C SER A 514 -6.69 -0.75 13.92
N ARG A 515 -7.00 -1.94 14.46
CA ARG A 515 -5.93 -2.97 14.54
C ARG A 515 -5.98 -3.93 13.28
N PHE A 516 -4.89 -3.94 12.51
CA PHE A 516 -4.81 -4.76 11.30
C PHE A 516 -3.91 -6.00 11.47
N GLY A 517 -3.31 -6.21 12.65
CA GLY A 517 -2.32 -7.29 12.72
C GLY A 517 -2.80 -8.75 12.80
N LEU A 518 -2.00 -9.67 12.28
CA LEU A 518 -2.11 -11.11 12.60
C LEU A 518 -1.64 -11.29 14.08
N VAL A 519 -0.71 -10.41 14.54
CA VAL A 519 -0.11 -10.45 15.83
C VAL A 519 -0.51 -9.15 16.58
N TYR A 520 -1.12 -9.34 17.75
CA TYR A 520 -1.51 -8.28 18.65
C TYR A 520 -0.33 -7.58 19.29
N ILE A 521 -0.43 -6.24 19.41
CA ILE A 521 0.64 -5.49 20.03
C ILE A 521 -0.02 -5.00 21.35
N ASP A 522 0.44 -5.53 22.46
CA ASP A 522 -0.26 -5.20 23.73
C ASP A 522 0.32 -3.90 24.30
N LYS A 523 -0.32 -2.78 23.99
CA LYS A 523 0.06 -1.49 24.44
C LYS A 523 0.17 -1.42 26.03
N GLU A 524 -0.68 -2.13 26.75
CA GLU A 524 -0.62 -2.11 28.24
C GLU A 524 0.42 -3.10 28.73
N ASP A 525 1.06 -3.90 27.87
CA ASP A 525 2.06 -4.80 28.34
C ASP A 525 3.34 -4.63 27.58
N GLY A 526 3.84 -3.39 27.58
CA GLY A 526 5.13 -3.14 27.06
C GLY A 526 5.24 -3.37 25.55
N ASN A 527 4.14 -3.25 24.78
CA ASN A 527 4.16 -3.41 23.31
C ASN A 527 4.52 -4.86 22.97
N LYS A 528 4.16 -5.78 23.87
CA LYS A 528 4.47 -7.17 23.65
C LYS A 528 3.64 -7.77 22.42
N ARG A 529 4.32 -8.65 21.67
CA ARG A 529 3.73 -9.35 20.49
C ARG A 529 2.92 -10.58 20.96
N LYS A 530 1.65 -10.66 20.64
CA LYS A 530 0.90 -11.87 21.02
C LYS A 530 0.16 -12.40 19.80
N LEU A 531 0.32 -13.70 19.51
CA LEU A 531 -0.31 -14.30 18.35
C LEU A 531 -1.82 -14.29 18.49
N LYS A 532 -2.55 -13.75 17.51
CA LYS A 532 -4.02 -13.88 17.49
C LYS A 532 -4.43 -15.26 16.92
N LYS A 533 -5.74 -15.59 17.00
CA LYS A 533 -6.25 -16.80 16.37
C LYS A 533 -5.80 -16.85 14.86
N SER A 534 -5.97 -15.76 14.09
CA SER A 534 -5.47 -15.78 12.69
C SER A 534 -4.01 -16.24 12.56
N ALA A 535 -3.11 -15.63 13.33
CA ALA A 535 -1.71 -16.02 13.32
C ALA A 535 -1.50 -17.56 13.58
N LYS A 536 -2.26 -18.08 14.52
CA LYS A 536 -2.18 -19.51 14.91
C LYS A 536 -2.65 -20.39 13.76
N TRP A 537 -3.72 -19.98 13.08
CA TRP A 537 -4.09 -20.68 11.83
C TRP A 537 -2.93 -20.69 10.82
N PHE A 538 -2.24 -19.57 10.67
CA PHE A 538 -1.14 -19.58 9.72
C PHE A 538 -0.05 -20.55 10.15
N ALA A 539 0.20 -20.65 11.45
CA ALA A 539 1.20 -21.60 11.90
C ALA A 539 0.84 -23.03 11.47
N LYS A 540 -0.40 -23.40 11.59
CA LYS A 540 -0.83 -24.70 11.16
C LYS A 540 -0.82 -24.84 9.63
N PHE A 541 -1.47 -23.91 8.90
CA PHE A 541 -1.46 -23.84 7.48
C PHE A 541 -0.07 -24.01 6.90
N ASN A 542 0.93 -23.28 7.45
CA ASN A 542 2.37 -23.30 6.99
C ASN A 542 3.11 -24.49 7.66
N SER A 543 2.33 -25.41 8.29
CA SER A 543 2.86 -26.70 8.89
C SER A 543 3.97 -26.56 9.87
N VAL A 544 3.95 -25.51 10.70
CA VAL A 544 5.14 -25.16 11.59
C VAL A 544 5.24 -26.20 12.76
C1 DNF B . -5.17 2.37 2.27
C1 DNF B . -9.19 4.19 3.06
O1 DNF B . -4.00 2.16 2.87
O1 DNF B . -7.89 3.89 3.40
C2 DNF B . -6.02 3.25 2.89
C2 DNF B . -10.03 5.02 3.82
N2 DNF B . -5.69 3.86 4.04
N2 DNF B . -9.55 5.60 4.94
O21 DNF B . -4.46 3.64 4.61
O21 DNF B . -8.28 5.30 5.29
O22 DNF B . -6.57 4.68 4.63
O22 DNF B . -10.31 6.45 5.75
C3 DNF B . -7.27 3.49 2.35
C3 DNF B . -11.30 5.31 3.44
C4 DNF B . -7.57 2.86 1.18
C4 DNF B . -11.76 4.77 2.26
N4 DNF B . -8.76 3.17 0.68
N4 DNF B . -13.01 5.05 1.90
O41 DNF B . -9.18 2.60 -0.51
O41 DNF B . -13.55 4.46 0.75
O42 DNF B . -9.57 4.06 1.41
O42 DNF B . -13.76 5.91 2.78
C5 DNF B . -6.70 2.01 0.53
C5 DNF B . -11.02 3.93 1.46
C6 DNF B . -5.48 1.73 1.08
C6 DNF B . -9.70 3.66 1.90
C1 G2F C . -2.16 -0.48 2.87
C2 G2F C . -1.27 0.73 3.16
C3 G2F C . -1.02 0.71 4.74
C4 G2F C . -2.36 0.74 5.47
C5 G2F C . -3.22 -0.44 4.98
C6 G2F C . -4.60 -0.53 5.58
O3 G2F C . -0.10 1.69 5.17
O4 G2F C . -2.06 0.64 6.83
O5 G2F C . -3.42 -0.30 3.58
O6 G2F C . -5.30 0.73 5.34
F2 G2F C . 0.01 0.57 2.63
#